data_8VX4
#
_entry.id   8VX4
#
_cell.length_a   1.00
_cell.length_b   1.00
_cell.length_c   1.00
_cell.angle_alpha   90.00
_cell.angle_beta   90.00
_cell.angle_gamma   90.00
#
_symmetry.space_group_name_H-M   'P 1'
#
loop_
_entity.id
_entity.type
_entity.pdbx_description
1 polymer 'DNA (35-MER)'
2 polymer 'DNA (35-MER)'
3 polymer 'N-glycosylase/DNA lyase'
#
loop_
_entity_poly.entity_id
_entity_poly.type
_entity_poly.pdbx_seq_one_letter_code
_entity_poly.pdbx_strand_id
1 'polydeoxyribonucleotide'
;(DA)(DT)(DG)(DC)(DC)(DT)(DC)(DG)(DC)(DA)(DG)(DA)(DA)(DT)(DC)(DC)(DC)(8OG)(DC)
(DT)(DG)(DC)(DC)(DG)(DA)(DG)(DG)(DC)(DC)(DG)(DC)(DT)(DC)(DA)(DA)
;
C
2 'polydeoxyribonucleotide'
;(DT)(DT)(DG)(DA)(DG)(DC)(DG)(DG)(DC)(DC)(DT)(DC)(DG)(DG)(DC)(DA)(DG)(DC)(DG)(DG)
(DG)(DA)(DT)(DT)(DC)(DT)(DG)(DC)(DG)(DA)(DG)(DG)(DC)(DA)(DT)
;
B
3 'polypeptide(L)'
;MGHHHHHHDYKDHDGDYKDHDIDYKDDDDKENLYFQGGGGGSDPARALLPRRMGHRTLASTPALWASIPCPRSELRLDLV
LPSGQSFRWREQSPAHWSGVLADQVWTLTQTEEQLHCTVYRGDKSQASRPTPDELEAVRKYFQLDVTLAQLYHHWGSVDS
HFQEVAQKFQGVRLLRQDPIECLFSFICSSNNNIARITGMVERLCQAFGPRLIQLDDVTYHGFPSLQALAGPEVEAHLRK
LGLGYRARYVSASARAILEEQGGLAWLQQLRESSYEEAHKALCILPGVGTQVADCICLMALDKPQAVPVDVHMWHIAQRD
YSWHPTTSQAKGPSPQTNKELGNFFRSLWGPYAGWAQAVLFSADLRQSRHAQEPPAKRRKGSKGPEG
;
A
#
loop_
_chem_comp.id
_chem_comp.type
_chem_comp.name
_chem_comp.formula
8OG DNA linking 8-OXO-2'-DEOXY-GUANOSINE-5'-MONOPHOSPHATE 'C10 H14 N5 O8 P'
DA DNA linking 2'-DEOXYADENOSINE-5'-MONOPHOSPHATE 'C10 H14 N5 O6 P'
DC DNA linking 2'-DEOXYCYTIDINE-5'-MONOPHOSPHATE 'C9 H14 N3 O7 P'
DG DNA linking 2'-DEOXYGUANOSINE-5'-MONOPHOSPHATE 'C10 H14 N5 O7 P'
DT DNA linking THYMIDINE-5'-MONOPHOSPHATE 'C10 H15 N2 O8 P'
#
# COMPACT_ATOMS: atom_id res chain seq x y z
P 8OG A 18 -10.79 6.82 3.52
OP1 8OG A 18 -9.78 7.06 4.62
OP2 8OG A 18 -11.10 7.91 2.58
O5' 8OG A 18 -9.88 5.63 2.51
C5' 8OG A 18 -10.45 4.44 2.54
C4' 8OG A 18 -10.93 4.04 1.15
O4' 8OG A 18 -9.86 4.17 0.24
C3' 8OG A 18 -11.38 2.55 1.02
O3' 8OG A 18 -12.16 2.41 -0.09
C2' 8OG A 18 -10.05 1.90 0.80
C1' 8OG A 18 -9.50 2.91 -0.20
N9 8OG A 18 -8.08 2.89 -0.48
C8 8OG A 18 -7.05 2.60 0.51
N7 8OG A 18 -5.79 2.71 -0.18
C5 8OG A 18 -6.11 3.06 -1.53
C6 8OG A 18 -5.25 3.28 -2.61
O6 8OG A 18 -4.03 3.24 -2.71
N1 8OG A 18 -6.00 3.60 -3.83
C2 8OG A 18 -7.42 3.67 -3.80
N2 8OG A 18 -8.10 4.00 -4.94
N3 8OG A 18 -8.20 3.45 -2.76
C4 8OG A 18 -7.49 3.15 -1.62
O8 8OG A 18 -7.19 2.33 1.70
N GLY C 54 10.84 4.12 22.88
CA GLY C 54 10.20 5.14 22.07
C GLY C 54 10.71 5.18 20.64
N HIS C 55 9.92 5.73 19.73
CA HIS C 55 10.33 5.86 18.35
C HIS C 55 11.52 6.80 18.25
N ARG C 56 12.48 6.44 17.41
CA ARG C 56 13.71 7.22 17.31
C ARG C 56 13.44 8.59 16.69
N THR C 57 13.96 9.62 17.35
CA THR C 57 13.89 10.99 16.87
C THR C 57 15.22 11.39 16.26
N LEU C 58 15.22 12.52 15.56
CA LEU C 58 16.42 12.95 14.86
C LEU C 58 17.58 13.24 15.81
N ALA C 59 17.28 13.54 17.07
CA ALA C 59 18.29 13.77 18.08
C ALA C 59 18.44 12.59 19.04
N SER C 60 17.88 11.43 18.70
CA SER C 60 17.93 10.29 19.61
C SER C 60 19.26 9.54 19.51
N THR C 61 19.56 8.99 18.34
CA THR C 61 20.78 8.21 18.13
C THR C 61 21.39 8.59 16.79
N PRO C 62 22.27 9.59 16.78
CA PRO C 62 22.80 10.10 15.50
C PRO C 62 23.57 9.08 14.67
N ALA C 63 24.13 8.06 15.30
CA ALA C 63 24.89 7.04 14.58
C ALA C 63 24.03 5.86 14.13
N LEU C 64 22.72 5.92 14.33
CA LEU C 64 21.83 4.82 14.01
C LEU C 64 20.95 5.09 12.79
N TRP C 65 21.41 5.91 11.86
CA TRP C 65 20.64 6.26 10.68
C TRP C 65 21.21 5.60 9.44
N ALA C 66 20.49 5.79 8.33
CA ALA C 66 20.96 5.35 7.01
C ALA C 66 20.34 6.30 6.00
N SER C 67 21.18 6.94 5.19
CA SER C 67 20.74 7.95 4.24
C SER C 67 20.67 7.36 2.85
N ILE C 68 19.56 7.59 2.16
CA ILE C 68 19.42 7.17 0.77
C ILE C 68 19.00 8.36 -0.07
N PRO C 69 19.40 8.44 -1.34
CA PRO C 69 19.08 9.63 -2.15
C PRO C 69 17.62 9.64 -2.56
N CYS C 70 16.88 10.64 -2.08
CA CYS C 70 15.50 10.85 -2.48
C CYS C 70 15.12 12.32 -2.33
N PRO C 71 15.04 13.05 -3.43
CA PRO C 71 14.65 14.47 -3.33
C PRO C 71 13.19 14.63 -2.95
N ARG C 72 12.90 15.77 -2.30
CA ARG C 72 11.54 16.05 -1.86
C ARG C 72 10.58 16.27 -3.01
N SER C 73 11.08 16.68 -4.19
CA SER C 73 10.21 16.79 -5.34
C SER C 73 9.75 15.41 -5.83
N GLU C 74 10.62 14.41 -5.74
CA GLU C 74 10.28 13.06 -6.15
C GLU C 74 9.41 12.32 -5.15
N LEU C 75 9.42 12.72 -3.88
CA LEU C 75 8.68 11.95 -2.88
C LEU C 75 8.39 12.83 -1.67
N ARG C 76 7.27 12.55 -1.01
CA ARG C 76 6.89 13.20 0.24
C ARG C 76 6.24 12.17 1.15
N LEU C 77 6.83 11.97 2.33
CA LEU C 77 6.32 10.95 3.26
C LEU C 77 4.91 11.26 3.71
N ASP C 78 4.63 12.52 4.06
CA ASP C 78 3.37 12.88 4.68
C ASP C 78 2.17 12.71 3.75
N LEU C 79 2.38 12.48 2.46
CA LEU C 79 1.30 12.38 1.50
C LEU C 79 1.10 10.99 0.93
N VAL C 80 1.93 10.00 1.30
CA VAL C 80 1.86 8.70 0.65
C VAL C 80 1.47 7.60 1.63
N LEU C 81 2.23 7.46 2.72
CA LEU C 81 2.02 6.34 3.63
C LEU C 81 0.65 6.33 4.31
N PRO C 82 0.14 7.41 4.90
CA PRO C 82 -1.22 7.38 5.45
C PRO C 82 -2.32 7.54 4.42
N SER C 83 -2.00 7.46 3.14
CA SER C 83 -2.94 7.76 2.07
C SER C 83 -3.62 6.50 1.53
N GLY C 84 -3.85 5.55 2.48
CA GLY C 84 -4.60 4.30 2.21
C GLY C 84 -3.77 3.14 1.71
N GLN C 85 -2.61 3.38 1.18
CA GLN C 85 -1.79 2.38 0.50
C GLN C 85 -1.22 1.34 1.46
N SER C 86 -1.08 1.68 2.74
CA SER C 86 -0.61 0.77 3.76
C SER C 86 -1.30 1.13 5.07
N PHE C 87 -1.36 0.17 5.98
CA PHE C 87 -2.07 0.35 7.24
C PHE C 87 -1.26 -0.20 8.39
N ARG C 88 0.05 0.06 8.38
CA ARG C 88 0.90 -0.35 9.48
C ARG C 88 1.88 0.73 9.88
N TRP C 89 1.63 1.99 9.51
CA TRP C 89 2.52 3.09 9.84
C TRP C 89 1.75 4.14 10.62
N ARG C 90 2.39 4.67 11.65
CA ARG C 90 1.79 5.67 12.54
C ARG C 90 2.71 6.87 12.65
N GLU C 91 2.18 7.93 13.25
CA GLU C 91 2.94 9.15 13.48
C GLU C 91 2.84 9.49 14.96
N GLN C 92 3.98 9.71 15.59
CA GLN C 92 4.06 10.19 16.97
C GLN C 92 4.73 11.55 17.04
N SER C 93 5.94 11.66 16.52
CA SER C 93 6.64 12.92 16.32
C SER C 93 6.40 13.42 14.91
N PRO C 94 6.49 14.72 14.67
CA PRO C 94 6.26 15.23 13.31
C PRO C 94 7.26 14.67 12.31
N ALA C 95 6.77 14.43 11.09
CA ALA C 95 7.57 13.92 9.97
C ALA C 95 8.25 12.59 10.30
N HIS C 96 7.53 11.72 11.00
CA HIS C 96 8.04 10.41 11.38
C HIS C 96 7.03 9.33 11.02
N TRP C 97 7.53 8.19 10.54
CA TRP C 97 6.67 7.04 10.30
C TRP C 97 7.38 5.77 10.72
N SER C 98 6.62 4.75 11.09
CA SER C 98 7.21 3.50 11.56
C SER C 98 6.27 2.33 11.33
N GLY C 99 6.83 1.25 10.79
CA GLY C 99 6.06 0.04 10.56
C GLY C 99 6.98 -1.14 10.33
N VAL C 100 6.44 -2.34 10.55
CA VAL C 100 7.24 -3.55 10.51
C VAL C 100 7.19 -4.14 9.10
N LEU C 101 8.36 -4.42 8.53
CA LEU C 101 8.49 -5.18 7.31
C LEU C 101 9.54 -6.27 7.50
N ALA C 102 9.24 -7.47 6.99
CA ALA C 102 10.17 -8.60 7.01
C ALA C 102 10.68 -8.90 8.41
N ASP C 103 9.77 -8.82 9.39
CA ASP C 103 10.08 -9.04 10.80
C ASP C 103 11.18 -8.09 11.28
N GLN C 104 11.06 -6.82 10.89
CA GLN C 104 11.99 -5.79 11.32
C GLN C 104 11.25 -4.47 11.36
N VAL C 105 11.37 -3.73 12.46
CA VAL C 105 10.68 -2.46 12.58
C VAL C 105 11.47 -1.40 11.81
N TRP C 106 10.78 -0.67 10.94
CA TRP C 106 11.36 0.35 10.08
C TRP C 106 10.85 1.70 10.54
N THR C 107 11.74 2.69 10.60
CA THR C 107 11.32 4.06 10.87
C THR C 107 11.90 4.96 9.79
N LEU C 108 11.02 5.75 9.17
CA LEU C 108 11.31 6.57 8.01
C LEU C 108 11.08 8.04 8.34
N THR C 109 12.02 8.88 7.90
CA THR C 109 11.84 10.33 7.91
C THR C 109 12.45 10.90 6.63
N GLN C 110 12.05 12.12 6.31
CA GLN C 110 12.45 12.76 5.06
C GLN C 110 13.15 14.07 5.34
N THR C 111 14.31 14.26 4.72
CA THR C 111 14.99 15.55 4.69
C THR C 111 14.66 16.26 3.38
N GLU C 112 15.36 17.36 3.11
CA GLU C 112 15.09 18.15 1.90
C GLU C 112 15.46 17.38 0.64
N GLU C 113 16.57 16.63 0.68
CA GLU C 113 17.02 15.92 -0.51
C GLU C 113 17.43 14.47 -0.24
N GLN C 114 17.18 13.95 0.96
CA GLN C 114 17.54 12.58 1.30
C GLN C 114 16.44 11.96 2.13
N LEU C 115 16.43 10.63 2.20
CA LEU C 115 15.53 9.88 3.05
C LEU C 115 16.33 9.16 4.11
N HIS C 116 15.95 9.34 5.38
CA HIS C 116 16.68 8.77 6.49
C HIS C 116 15.90 7.62 7.10
N CYS C 117 16.62 6.55 7.42
CA CYS C 117 16.06 5.28 7.83
C CYS C 117 16.71 4.81 9.12
N THR C 118 15.94 4.09 9.94
CA THR C 118 16.51 3.37 11.06
C THR C 118 15.68 2.13 11.35
N VAL C 119 16.30 1.17 12.03
CA VAL C 119 15.72 -0.16 12.21
C VAL C 119 15.66 -0.49 13.69
N TYR C 120 14.68 -1.32 14.05
CA TYR C 120 14.63 -2.01 15.33
C TYR C 120 14.50 -3.50 15.06
N ARG C 121 15.33 -4.29 15.73
CA ARG C 121 15.32 -5.75 15.55
C ARG C 121 15.13 -6.45 16.88
N SER C 125 19.49 -6.88 16.83
CA SER C 125 18.75 -6.48 18.03
C SER C 125 19.44 -5.32 18.73
N GLN C 126 20.78 -5.32 18.70
CA GLN C 126 21.57 -4.28 19.34
C GLN C 126 22.71 -3.84 18.42
N ALA C 127 22.41 -3.65 17.15
CA ALA C 127 23.41 -3.28 16.16
C ALA C 127 22.95 -2.07 15.37
N SER C 128 23.92 -1.29 14.91
CA SER C 128 23.70 -0.11 14.09
C SER C 128 24.18 -0.37 12.67
N ARG C 129 24.11 0.67 11.83
CA ARG C 129 24.51 0.65 10.42
C ARG C 129 23.82 -0.50 9.68
N PRO C 130 22.53 -0.35 9.35
CA PRO C 130 21.80 -1.44 8.69
C PRO C 130 22.43 -1.84 7.36
N THR C 131 22.40 -3.14 7.09
CA THR C 131 23.12 -3.70 5.96
C THR C 131 22.50 -3.27 4.64
N PRO C 132 23.33 -3.10 3.59
CA PRO C 132 22.82 -2.63 2.30
C PRO C 132 21.74 -3.50 1.67
N ASP C 133 21.63 -4.78 2.05
CA ASP C 133 20.57 -5.60 1.46
C ASP C 133 19.20 -5.12 1.89
N GLU C 134 19.06 -4.67 3.14
CA GLU C 134 17.81 -4.04 3.55
C GLU C 134 17.62 -2.69 2.88
N LEU C 135 18.72 -2.01 2.53
CA LEU C 135 18.61 -0.77 1.76
C LEU C 135 18.05 -1.06 0.38
N GLU C 136 18.48 -2.15 -0.26
CA GLU C 136 17.88 -2.55 -1.51
C GLU C 136 16.43 -3.01 -1.32
N ALA C 137 16.13 -3.63 -0.18
CA ALA C 137 14.76 -4.03 0.11
C ALA C 137 13.83 -2.82 0.19
N VAL C 138 14.27 -1.77 0.87
CA VAL C 138 13.43 -0.57 0.96
C VAL C 138 13.47 0.23 -0.35
N ARG C 139 14.56 0.10 -1.12
CA ARG C 139 14.62 0.70 -2.45
C ARG C 139 13.57 0.09 -3.36
N LYS C 140 13.44 -1.24 -3.34
CA LYS C 140 12.35 -1.89 -4.06
C LYS C 140 11.01 -1.52 -3.45
N TYR C 141 10.94 -1.40 -2.13
CA TYR C 141 9.75 -0.91 -1.45
C TYR C 141 9.37 0.50 -1.88
N PHE C 142 10.31 1.30 -2.38
CA PHE C 142 10.04 2.70 -2.65
C PHE C 142 10.28 3.08 -4.10
N GLN C 143 10.55 2.12 -4.98
CA GLN C 143 10.68 2.34 -6.42
C GLN C 143 11.68 3.46 -6.74
N LEU C 144 12.81 3.45 -6.03
CA LEU C 144 13.79 4.52 -6.18
C LEU C 144 14.47 4.51 -7.53
N ASP C 145 14.47 3.36 -8.22
CA ASP C 145 14.98 3.30 -9.59
C ASP C 145 14.04 3.92 -10.61
N VAL C 146 12.82 4.25 -10.20
CA VAL C 146 11.85 4.92 -11.06
C VAL C 146 11.91 6.42 -10.80
N THR C 147 11.68 7.20 -11.84
CA THR C 147 11.70 8.66 -11.76
C THR C 147 10.29 9.19 -11.99
N LEU C 148 9.85 10.10 -11.12
CA LEU C 148 8.51 10.65 -11.21
C LEU C 148 8.46 12.06 -11.79
N ALA C 149 9.59 12.77 -11.89
CA ALA C 149 9.57 14.11 -12.47
C ALA C 149 9.21 14.07 -13.95
N GLN C 150 9.80 13.13 -14.69
CA GLN C 150 9.46 12.99 -16.11
C GLN C 150 8.01 12.57 -16.29
N LEU C 151 7.52 11.72 -15.39
CA LEU C 151 6.12 11.28 -15.45
C LEU C 151 5.17 12.45 -15.18
N TYR C 152 5.52 13.30 -14.21
CA TYR C 152 4.74 14.51 -13.95
C TYR C 152 4.76 15.43 -15.16
N HIS C 153 5.91 15.59 -15.80
CA HIS C 153 5.99 16.43 -16.99
C HIS C 153 5.14 15.88 -18.12
N HIS C 154 5.14 14.55 -18.30
CA HIS C 154 4.31 13.91 -19.31
C HIS C 154 2.84 14.18 -19.04
N TRP C 155 2.41 13.99 -17.78
CA TRP C 155 1.00 14.20 -17.45
C TRP C 155 0.60 15.66 -17.61
N GLY C 156 1.47 16.58 -17.20
CA GLY C 156 1.19 17.98 -17.38
C GLY C 156 1.12 18.39 -18.84
N SER C 157 1.95 17.77 -19.68
CA SER C 157 1.89 18.04 -21.11
C SER C 157 0.58 17.53 -21.71
N VAL C 158 0.11 16.36 -21.28
CA VAL C 158 -1.10 15.82 -21.88
C VAL C 158 -2.35 16.44 -21.24
N ASP C 159 -2.34 16.68 -19.94
CA ASP C 159 -3.52 17.18 -19.24
C ASP C 159 -3.13 18.16 -18.15
N SER C 160 -3.74 19.34 -18.17
CA SER C 160 -3.39 20.40 -17.22
C SER C 160 -4.05 20.23 -15.87
N HIS C 161 -5.06 19.37 -15.74
CA HIS C 161 -5.68 19.16 -14.43
C HIS C 161 -4.71 18.55 -13.44
N PHE C 162 -3.94 17.55 -13.89
CA PHE C 162 -2.94 16.94 -13.01
C PHE C 162 -1.84 17.94 -12.65
N GLN C 163 -1.50 18.83 -13.59
CA GLN C 163 -0.52 19.86 -13.29
C GLN C 163 -1.03 20.84 -12.25
N GLU C 164 -2.32 21.23 -12.36
CA GLU C 164 -2.92 22.12 -11.38
C GLU C 164 -3.00 21.46 -10.01
N VAL C 165 -3.32 20.18 -9.98
CA VAL C 165 -3.34 19.44 -8.71
C VAL C 165 -1.93 19.37 -8.12
N ALA C 166 -0.94 19.10 -8.97
CA ALA C 166 0.45 18.98 -8.55
C ALA C 166 1.16 20.32 -8.46
N GLN C 167 0.43 21.44 -8.58
CA GLN C 167 1.06 22.75 -8.38
C GLN C 167 1.59 22.90 -6.97
N LYS C 168 0.98 22.21 -6.01
CA LYS C 168 1.51 22.12 -4.65
C LYS C 168 1.88 20.69 -4.26
N PHE C 169 1.58 19.70 -5.09
CA PHE C 169 1.87 18.30 -4.80
C PHE C 169 3.10 17.89 -5.59
N GLN C 170 4.11 17.38 -4.89
CA GLN C 170 5.37 17.00 -5.54
C GLN C 170 5.89 15.73 -4.85
N GLY C 171 5.54 14.57 -5.41
CA GLY C 171 6.13 13.34 -4.95
C GLY C 171 5.20 12.31 -4.34
N VAL C 172 3.95 12.25 -4.79
CA VAL C 172 3.08 11.17 -4.33
C VAL C 172 3.48 9.90 -5.07
N ARG C 173 4.27 9.07 -4.41
CA ARG C 173 4.88 7.89 -5.00
C ARG C 173 3.98 6.67 -4.75
N LEU C 174 4.52 5.49 -5.04
CA LEU C 174 3.85 4.24 -4.71
C LEU C 174 4.88 3.26 -4.16
N LEU C 175 4.41 2.31 -3.36
CA LEU C 175 5.27 1.33 -2.73
C LEU C 175 5.14 -0.02 -3.41
N ARG C 176 6.07 -0.91 -3.10
CA ARG C 176 6.06 -2.29 -3.61
C ARG C 176 6.28 -3.23 -2.43
N GLN C 177 5.19 -3.75 -1.88
CA GLN C 177 5.21 -4.49 -0.63
C GLN C 177 5.31 -6.00 -0.86
N ASP C 178 5.51 -6.73 0.24
CA ASP C 178 5.41 -8.18 0.20
C ASP C 178 3.97 -8.58 -0.10
N PRO C 179 3.76 -9.55 -1.00
CA PRO C 179 2.38 -9.90 -1.38
C PRO C 179 1.53 -10.46 -0.25
N ILE C 180 2.11 -11.24 0.67
CA ILE C 180 1.34 -11.71 1.83
C ILE C 180 0.97 -10.55 2.72
N GLU C 181 1.95 -9.71 3.06
CA GLU C 181 1.72 -8.53 3.90
C GLU C 181 0.69 -7.61 3.29
N CYS C 182 0.90 -7.22 2.02
CA CYS C 182 -0.01 -6.28 1.37
C CYS C 182 -1.39 -6.89 1.18
N LEU C 183 -1.45 -8.16 0.79
CA LEU C 183 -2.74 -8.81 0.55
C LEU C 183 -3.56 -8.90 1.84
N PHE C 184 -2.94 -9.39 2.92
CA PHE C 184 -3.69 -9.54 4.16
C PHE C 184 -3.99 -8.19 4.80
N SER C 185 -3.16 -7.18 4.53
CA SER C 185 -3.49 -5.84 5.02
C SER C 185 -4.68 -5.26 4.26
N PHE C 186 -4.77 -5.53 2.95
CA PHE C 186 -5.85 -4.97 2.15
C PHE C 186 -7.10 -5.81 2.16
N ILE C 187 -7.09 -7.01 2.76
CA ILE C 187 -8.33 -7.75 2.93
C ILE C 187 -9.29 -6.99 3.82
N CYS C 188 -8.81 -6.48 4.95
CA CYS C 188 -9.64 -5.81 5.93
C CYS C 188 -9.72 -4.30 5.70
N SER C 189 -9.41 -3.84 4.50
CA SER C 189 -9.47 -2.42 4.16
C SER C 189 -10.55 -2.13 3.13
N SER C 190 -11.58 -2.95 3.09
CA SER C 190 -12.70 -2.76 2.17
C SER C 190 -13.86 -2.16 2.93
N ASN C 191 -14.39 -1.04 2.42
CA ASN C 191 -15.46 -0.28 3.07
C ASN C 191 -15.06 0.12 4.49
N ASN C 192 -13.95 0.86 4.59
CA ASN C 192 -13.36 1.12 5.89
C ASN C 192 -12.46 2.36 5.80
N ASN C 193 -12.54 3.21 6.82
CA ASN C 193 -11.69 4.39 6.85
C ASN C 193 -10.29 4.02 7.34
N ILE C 194 -9.34 4.90 7.03
CA ILE C 194 -7.92 4.55 7.13
C ILE C 194 -7.51 4.30 8.58
N ALA C 195 -7.94 5.16 9.51
CA ALA C 195 -7.52 5.01 10.90
C ALA C 195 -8.03 3.70 11.51
N ARG C 196 -9.27 3.34 11.19
CA ARG C 196 -9.81 2.07 11.68
C ARG C 196 -9.02 0.89 11.14
N ILE C 197 -8.66 0.92 9.85
CA ILE C 197 -7.88 -0.18 9.30
C ILE C 197 -6.48 -0.21 9.92
N THR C 198 -5.91 0.96 10.20
CA THR C 198 -4.56 0.99 10.77
C THR C 198 -4.54 0.34 12.14
N GLY C 199 -5.44 0.78 13.04
CA GLY C 199 -5.56 0.12 14.32
C GLY C 199 -5.99 -1.34 14.20
N MET C 200 -6.77 -1.64 13.17
CA MET C 200 -7.29 -2.98 12.95
C MET C 200 -6.18 -3.96 12.62
N VAL C 201 -5.32 -3.57 11.69
CA VAL C 201 -4.18 -4.39 11.28
C VAL C 201 -3.15 -4.45 12.41
N GLU C 202 -2.99 -3.36 13.16
CA GLU C 202 -2.08 -3.40 14.31
C GLU C 202 -2.56 -4.41 15.36
N ARG C 203 -3.86 -4.45 15.63
CA ARG C 203 -4.39 -5.42 16.59
C ARG C 203 -4.26 -6.84 16.05
N LEU C 204 -4.50 -7.05 14.75
CA LEU C 204 -4.30 -8.37 14.16
C LEU C 204 -2.84 -8.80 14.27
N CYS C 205 -1.91 -7.87 14.04
CA CYS C 205 -0.49 -8.17 14.15
C CYS C 205 -0.11 -8.49 15.59
N GLN C 206 -0.74 -7.81 16.55
CA GLN C 206 -0.52 -8.14 17.95
C GLN C 206 -1.03 -9.54 18.28
N ALA C 207 -2.19 -9.89 17.74
CA ALA C 207 -2.80 -11.18 18.07
C ALA C 207 -2.03 -12.35 17.45
N PHE C 208 -1.61 -12.22 16.20
CA PHE C 208 -1.08 -13.36 15.46
C PHE C 208 0.36 -13.17 14.99
N GLY C 209 1.07 -12.17 15.49
CA GLY C 209 2.40 -11.91 14.99
C GLY C 209 3.47 -12.03 16.05
N PRO C 210 4.67 -12.44 15.63
CA PRO C 210 5.81 -12.49 16.56
C PRO C 210 6.25 -11.11 16.99
N ARG C 211 6.06 -10.79 18.27
CA ARG C 211 6.39 -9.48 18.79
C ARG C 211 7.89 -9.24 18.75
N LEU C 212 8.28 -7.96 18.71
CA LEU C 212 9.68 -7.57 18.73
C LEU C 212 10.08 -6.90 20.04
N ILE C 213 9.41 -5.80 20.39
CA ILE C 213 9.71 -5.08 21.63
C ILE C 213 8.56 -4.14 21.96
N GLN C 214 8.35 -3.86 23.24
CA GLN C 214 7.37 -2.86 23.68
C GLN C 214 8.06 -1.50 23.61
N LEU C 215 7.77 -0.74 22.55
CA LEU C 215 8.47 0.52 22.32
C LEU C 215 7.61 1.67 22.85
N ASP C 216 7.52 1.69 24.18
CA ASP C 216 7.06 2.81 25.00
C ASP C 216 5.56 3.07 24.96
N ASP C 217 4.84 2.48 24.01
CA ASP C 217 3.39 2.50 24.14
C ASP C 217 2.77 1.13 23.82
N VAL C 218 3.27 0.50 22.77
CA VAL C 218 2.65 -0.68 22.16
C VAL C 218 3.75 -1.53 21.54
N THR C 219 3.66 -2.84 21.77
CA THR C 219 4.61 -3.76 21.17
C THR C 219 4.48 -3.77 19.65
N TYR C 220 5.59 -4.07 18.96
CA TYR C 220 5.59 -4.21 17.52
C TYR C 220 5.86 -5.66 17.17
N HIS C 221 5.18 -6.15 16.14
CA HIS C 221 5.15 -7.56 15.83
C HIS C 221 5.44 -7.77 14.36
N GLY C 222 6.01 -8.93 14.04
CA GLY C 222 6.07 -9.33 12.65
C GLY C 222 4.69 -9.62 12.11
N PHE C 223 4.52 -9.39 10.80
CA PHE C 223 3.24 -9.65 10.18
C PHE C 223 2.97 -11.15 10.21
N PRO C 224 1.76 -11.59 10.56
CA PRO C 224 1.53 -13.02 10.86
C PRO C 224 1.90 -13.94 9.72
N SER C 225 2.50 -15.08 10.08
CA SER C 225 2.89 -16.08 9.10
C SER C 225 1.65 -16.77 8.54
N LEU C 226 1.79 -17.30 7.33
CA LEU C 226 0.65 -17.88 6.64
C LEU C 226 0.18 -19.17 7.29
N GLN C 227 1.05 -19.83 8.05
CA GLN C 227 0.62 -21.01 8.80
C GLN C 227 -0.26 -20.65 10.00
N ALA C 228 -0.21 -19.40 10.45
CA ALA C 228 -0.98 -18.99 11.61
C ALA C 228 -2.43 -18.66 11.30
N LEU C 229 -2.75 -18.36 10.04
CA LEU C 229 -4.09 -17.91 9.69
C LEU C 229 -4.91 -18.94 8.91
N ALA C 230 -4.29 -19.99 8.39
CA ALA C 230 -4.98 -20.96 7.55
C ALA C 230 -5.64 -22.07 8.34
N GLY C 231 -5.75 -21.94 9.66
CA GLY C 231 -6.37 -22.94 10.48
C GLY C 231 -7.85 -22.69 10.70
N PRO C 232 -8.49 -23.52 11.52
CA PRO C 232 -9.90 -23.31 11.84
C PRO C 232 -10.06 -22.38 13.03
N GLU C 233 -11.31 -21.96 13.26
CA GLU C 233 -11.77 -21.13 14.37
C GLU C 233 -11.25 -19.69 14.28
N VAL C 234 -10.35 -19.41 13.34
CA VAL C 234 -9.68 -18.11 13.28
C VAL C 234 -10.67 -16.99 12.96
N GLU C 235 -11.75 -17.31 12.25
CA GLU C 235 -12.76 -16.30 11.92
C GLU C 235 -13.43 -15.77 13.18
N ALA C 236 -13.88 -16.67 14.06
CA ALA C 236 -14.51 -16.24 15.30
C ALA C 236 -13.52 -15.52 16.21
N HIS C 237 -12.27 -15.99 16.25
CA HIS C 237 -11.26 -15.34 17.09
C HIS C 237 -10.99 -13.91 16.63
N LEU C 238 -10.91 -13.69 15.32
CA LEU C 238 -10.66 -12.33 14.86
C LEU C 238 -11.91 -11.47 14.90
N ARG C 239 -13.09 -12.08 14.79
CA ARG C 239 -14.32 -11.33 15.02
C ARG C 239 -14.42 -10.88 16.47
N LYS C 240 -13.85 -11.64 17.40
CA LYS C 240 -13.70 -11.16 18.77
C LYS C 240 -12.79 -9.94 18.83
N LEU C 241 -11.69 -9.97 18.06
CA LEU C 241 -10.80 -8.81 17.98
C LEU C 241 -11.46 -7.63 17.28
N GLY C 242 -12.45 -7.88 16.44
CA GLY C 242 -13.17 -6.81 15.78
C GLY C 242 -12.74 -6.54 14.35
N LEU C 243 -12.59 -7.60 13.55
CA LEU C 243 -12.36 -7.46 12.13
C LEU C 243 -13.65 -7.31 11.33
N GLY C 244 -14.81 -7.52 11.96
CA GLY C 244 -16.03 -7.55 11.21
C GLY C 244 -16.07 -8.78 10.30
N TYR C 245 -16.94 -8.70 9.29
CA TYR C 245 -17.03 -9.78 8.32
C TYR C 245 -15.73 -10.00 7.57
N ARG C 246 -14.84 -8.99 7.57
CA ARG C 246 -13.52 -9.13 6.98
C ARG C 246 -12.73 -10.26 7.60
N ALA C 247 -13.02 -10.60 8.87
CA ALA C 247 -12.39 -11.77 9.48
C ALA C 247 -12.64 -13.02 8.65
N ARG C 248 -13.89 -13.23 8.23
CA ARG C 248 -14.19 -14.32 7.32
C ARG C 248 -13.42 -14.14 6.02
N TYR C 249 -13.39 -12.90 5.50
CA TYR C 249 -12.62 -12.61 4.30
C TYR C 249 -11.14 -12.83 4.50
N VAL C 250 -10.66 -12.89 5.74
CA VAL C 250 -9.29 -13.32 5.98
C VAL C 250 -9.20 -14.85 5.95
N SER C 251 -10.11 -15.51 6.69
CA SER C 251 -10.02 -16.95 6.86
C SER C 251 -10.15 -17.68 5.53
N ALA C 252 -11.21 -17.37 4.79
CA ALA C 252 -11.40 -17.96 3.46
C ALA C 252 -10.28 -17.58 2.50
N SER C 253 -9.55 -16.50 2.78
CA SER C 253 -8.40 -16.11 1.97
C SER C 253 -7.07 -16.44 2.66
N ALA C 254 -7.07 -17.41 3.58
CA ALA C 254 -5.83 -17.93 4.13
C ALA C 254 -5.63 -19.39 3.74
N ARG C 255 -6.58 -20.25 4.09
CA ARG C 255 -6.47 -21.67 3.73
C ARG C 255 -6.45 -21.85 2.21
N ALA C 256 -7.22 -21.03 1.50
CA ALA C 256 -7.25 -21.09 0.04
C ALA C 256 -5.88 -20.84 -0.57
N ILE C 257 -4.97 -20.18 0.16
CA ILE C 257 -3.61 -20.04 -0.34
C ILE C 257 -2.89 -21.37 -0.32
N LEU C 258 -2.99 -22.11 0.79
CA LEU C 258 -2.19 -23.31 1.00
C LEU C 258 -2.93 -24.61 0.72
N GLU C 259 -4.26 -24.59 0.70
CA GLU C 259 -5.04 -25.81 0.58
C GLU C 259 -5.69 -25.99 -0.78
N GLU C 260 -5.87 -24.93 -1.56
CA GLU C 260 -6.58 -25.03 -2.84
C GLU C 260 -5.90 -24.33 -4.01
N GLN C 261 -4.92 -23.46 -3.77
CA GLN C 261 -4.25 -22.77 -4.88
C GLN C 261 -2.82 -23.23 -5.12
N GLY C 262 -2.15 -23.79 -4.12
CA GLY C 262 -0.81 -24.32 -4.35
C GLY C 262 0.26 -23.70 -3.48
N GLY C 263 -0.13 -23.15 -2.33
CA GLY C 263 0.85 -22.62 -1.40
C GLY C 263 1.40 -21.28 -1.81
N LEU C 264 2.49 -20.90 -1.13
CA LEU C 264 3.12 -19.61 -1.36
C LEU C 264 3.74 -19.48 -2.75
N ALA C 265 4.07 -20.61 -3.39
CA ALA C 265 4.69 -20.57 -4.71
C ALA C 265 3.75 -19.99 -5.76
N TRP C 266 2.46 -20.36 -5.69
CA TRP C 266 1.49 -19.85 -6.66
C TRP C 266 1.37 -18.34 -6.58
N LEU C 267 1.37 -17.79 -5.36
CA LEU C 267 1.28 -16.34 -5.20
C LEU C 267 2.58 -15.66 -5.60
N GLN C 268 3.73 -16.23 -5.21
CA GLN C 268 5.00 -15.58 -5.50
C GLN C 268 5.41 -15.70 -6.96
N GLN C 269 4.78 -16.59 -7.72
CA GLN C 269 5.04 -16.67 -9.15
C GLN C 269 4.24 -15.66 -9.96
N LEU C 270 3.41 -14.85 -9.32
CA LEU C 270 2.59 -13.86 -10.00
C LEU C 270 3.27 -12.51 -10.15
N ARG C 271 4.46 -12.32 -9.56
CA ARG C 271 5.18 -11.07 -9.70
C ARG C 271 5.83 -10.92 -11.07
N GLU C 272 5.86 -11.99 -11.88
CA GLU C 272 6.43 -11.94 -13.22
C GLU C 272 5.45 -12.47 -14.27
N SER C 273 4.18 -12.61 -13.91
CA SER C 273 3.18 -13.13 -14.83
C SER C 273 2.55 -11.98 -15.61
N SER C 274 1.51 -12.30 -16.39
CA SER C 274 0.82 -11.29 -17.17
C SER C 274 -0.23 -10.57 -16.32
N TYR C 275 -0.71 -9.46 -16.85
CA TYR C 275 -1.69 -8.62 -16.15
C TYR C 275 -3.00 -9.34 -15.86
N GLU C 276 -3.74 -9.70 -16.91
CA GLU C 276 -5.09 -10.22 -16.73
C GLU C 276 -5.09 -11.56 -16.01
N GLU C 277 -4.06 -12.39 -16.26
CA GLU C 277 -3.95 -13.66 -15.57
C GLU C 277 -3.81 -13.46 -14.06
N ALA C 278 -2.89 -12.59 -13.65
CA ALA C 278 -2.69 -12.33 -12.22
C ALA C 278 -3.90 -11.65 -11.61
N HIS C 279 -4.54 -10.76 -12.37
CA HIS C 279 -5.73 -10.08 -11.88
C HIS C 279 -6.86 -11.06 -11.60
N LYS C 280 -7.13 -11.97 -12.55
CA LYS C 280 -8.17 -12.97 -12.31
C LYS C 280 -7.76 -13.94 -11.22
N ALA C 281 -6.45 -14.26 -11.13
CA ALA C 281 -5.98 -15.19 -10.10
C ALA C 281 -6.20 -14.62 -8.70
N LEU C 282 -5.96 -13.32 -8.53
CA LEU C 282 -6.27 -12.69 -7.25
C LEU C 282 -7.78 -12.54 -7.04
N CYS C 283 -8.53 -12.34 -8.12
CA CYS C 283 -9.98 -12.15 -7.99
C CYS C 283 -10.69 -13.44 -7.61
N ILE C 284 -10.11 -14.60 -7.93
CA ILE C 284 -10.71 -15.87 -7.52
C ILE C 284 -10.71 -16.00 -6.00
N LEU C 285 -9.71 -15.43 -5.33
CA LEU C 285 -9.63 -15.50 -3.87
C LEU C 285 -10.85 -14.83 -3.24
N PRO C 286 -11.33 -15.35 -2.11
CA PRO C 286 -12.51 -14.77 -1.46
C PRO C 286 -12.17 -13.44 -0.80
N GLY C 287 -12.96 -12.41 -1.12
CA GLY C 287 -12.77 -11.09 -0.55
C GLY C 287 -11.86 -10.17 -1.33
N VAL C 288 -11.15 -10.67 -2.33
CA VAL C 288 -10.25 -9.85 -3.12
C VAL C 288 -10.99 -9.53 -4.42
N GLY C 289 -11.70 -8.41 -4.41
CA GLY C 289 -12.33 -7.90 -5.61
C GLY C 289 -11.38 -7.07 -6.43
N THR C 290 -11.94 -6.42 -7.46
CA THR C 290 -11.10 -5.76 -8.46
C THR C 290 -10.29 -4.60 -7.86
N GLN C 291 -10.85 -3.90 -6.88
CA GLN C 291 -10.13 -2.79 -6.26
C GLN C 291 -8.89 -3.29 -5.52
N VAL C 292 -9.05 -4.27 -4.64
CA VAL C 292 -7.90 -4.78 -3.92
C VAL C 292 -7.04 -5.67 -4.81
N ALA C 293 -7.62 -6.29 -5.84
CA ALA C 293 -6.78 -7.02 -6.79
C ALA C 293 -5.83 -6.08 -7.50
N ASP C 294 -6.34 -4.94 -7.97
CA ASP C 294 -5.47 -3.95 -8.60
C ASP C 294 -4.53 -3.32 -7.58
N CYS C 295 -4.96 -3.17 -6.34
CA CYS C 295 -4.09 -2.66 -5.30
C CYS C 295 -2.91 -3.60 -5.05
N ILE C 296 -3.19 -4.91 -4.98
CA ILE C 296 -2.13 -5.88 -4.80
C ILE C 296 -1.23 -5.93 -6.03
N CYS C 297 -1.82 -5.86 -7.23
CA CYS C 297 -1.04 -5.85 -8.46
C CYS C 297 -0.12 -4.64 -8.54
N LEU C 298 -0.58 -3.48 -8.07
CA LEU C 298 0.19 -2.26 -8.18
C LEU C 298 1.22 -2.10 -7.07
N MET C 299 0.88 -2.45 -5.83
CA MET C 299 1.77 -2.21 -4.70
C MET C 299 2.44 -3.47 -4.17
N ALA C 300 2.27 -4.62 -4.83
CA ALA C 300 3.00 -5.81 -4.43
C ALA C 300 3.51 -6.62 -5.60
N LEU C 301 3.03 -6.40 -6.83
CA LEU C 301 3.40 -7.22 -7.96
C LEU C 301 4.03 -6.42 -9.09
N ASP C 302 4.24 -5.11 -8.90
CA ASP C 302 4.86 -4.22 -9.89
C ASP C 302 4.10 -4.27 -11.22
N LYS C 303 2.85 -3.80 -11.18
CA LYS C 303 1.99 -3.73 -12.35
C LYS C 303 1.49 -2.29 -12.48
N PRO C 304 2.31 -1.40 -13.03
CA PRO C 304 1.95 0.03 -13.06
C PRO C 304 0.78 0.36 -13.97
N GLN C 305 0.27 -0.58 -14.74
CA GLN C 305 -0.91 -0.34 -15.57
C GLN C 305 -2.20 -0.30 -14.76
N ALA C 306 -2.16 -0.68 -13.50
CA ALA C 306 -3.35 -0.81 -12.68
C ALA C 306 -3.68 0.51 -12.01
N VAL C 307 -4.94 0.93 -12.14
CA VAL C 307 -5.45 2.09 -11.41
C VAL C 307 -6.51 1.63 -10.42
N PRO C 308 -6.27 1.78 -9.12
CA PRO C 308 -7.32 1.49 -8.14
C PRO C 308 -8.48 2.45 -8.30
N VAL C 309 -9.70 1.93 -8.20
CA VAL C 309 -10.92 2.70 -8.37
C VAL C 309 -11.76 2.55 -7.11
N ASP C 310 -12.01 3.66 -6.44
CA ASP C 310 -12.65 3.64 -5.13
C ASP C 310 -13.63 4.80 -5.00
N VAL C 311 -14.05 5.10 -3.77
CA VAL C 311 -14.94 6.23 -3.54
C VAL C 311 -14.25 7.55 -3.90
N HIS C 312 -12.96 7.67 -3.53
CA HIS C 312 -12.25 8.92 -3.77
C HIS C 312 -12.05 9.17 -5.26
N MET C 313 -11.64 8.13 -6.01
CA MET C 313 -11.50 8.26 -7.46
C MET C 313 -12.81 8.62 -8.13
N TRP C 314 -13.91 8.01 -7.73
CA TRP C 314 -15.15 8.27 -8.46
C TRP C 314 -15.71 9.64 -8.12
N HIS C 315 -15.61 10.06 -6.86
CA HIS C 315 -15.98 11.43 -6.54
C HIS C 315 -15.11 12.42 -7.31
N ILE C 316 -13.80 12.13 -7.42
CA ILE C 316 -12.90 13.01 -8.13
C ILE C 316 -13.29 13.11 -9.60
N ALA C 317 -13.57 11.97 -10.23
CA ALA C 317 -13.97 11.97 -11.63
C ALA C 317 -15.27 12.73 -11.84
N GLN C 318 -16.30 12.38 -11.08
CA GLN C 318 -17.61 12.98 -11.28
C GLN C 318 -17.67 14.45 -10.88
N ARG C 319 -16.68 14.96 -10.13
CA ARG C 319 -16.66 16.37 -9.80
C ARG C 319 -15.61 17.18 -10.53
N ASP C 320 -14.63 16.55 -11.19
CA ASP C 320 -13.53 17.30 -11.77
C ASP C 320 -13.28 16.96 -13.24
N TYR C 321 -13.53 15.72 -13.64
CA TYR C 321 -13.18 15.26 -14.98
C TYR C 321 -14.40 15.06 -15.88
N SER C 322 -15.60 15.15 -15.32
CA SER C 322 -16.86 14.99 -16.04
C SER C 322 -16.97 13.63 -16.72
N TRP C 323 -16.29 12.62 -16.20
CA TRP C 323 -16.38 11.29 -16.78
C TRP C 323 -17.60 10.56 -16.24
N HIS C 324 -18.31 9.89 -17.15
CA HIS C 324 -19.49 9.10 -16.81
C HIS C 324 -19.43 7.79 -17.56
N PRO C 325 -19.99 6.72 -16.99
CA PRO C 325 -19.97 5.42 -17.68
C PRO C 325 -20.77 5.43 -18.96
N THR C 326 -20.08 5.31 -20.10
CA THR C 326 -20.74 5.39 -21.39
C THR C 326 -21.36 4.05 -21.79
N THR C 327 -20.54 3.01 -21.93
CA THR C 327 -21.06 1.70 -22.26
C THR C 327 -21.89 1.11 -21.12
N SER C 328 -21.46 1.34 -19.88
CA SER C 328 -22.22 0.89 -18.74
C SER C 328 -23.52 1.69 -18.60
N GLN C 329 -24.53 1.06 -18.01
CA GLN C 329 -25.87 1.62 -17.93
C GLN C 329 -26.18 2.23 -16.58
N ALA C 330 -25.18 2.39 -15.72
CA ALA C 330 -25.41 2.93 -14.38
C ALA C 330 -24.25 3.86 -14.03
N LYS C 331 -24.20 4.28 -12.76
CA LYS C 331 -23.13 5.13 -12.25
C LYS C 331 -22.70 4.71 -10.84
N GLY C 332 -22.80 3.42 -10.54
CA GLY C 332 -22.46 2.90 -9.24
C GLY C 332 -21.33 1.87 -9.30
N PRO C 333 -20.72 1.58 -8.14
CA PRO C 333 -19.53 0.71 -8.13
C PRO C 333 -19.82 -0.66 -8.71
N SER C 334 -19.13 -0.97 -9.81
CA SER C 334 -19.39 -2.18 -10.58
C SER C 334 -18.14 -2.52 -11.39
N PRO C 335 -17.90 -3.82 -11.63
CA PRO C 335 -16.69 -4.20 -12.38
C PRO C 335 -16.60 -3.59 -13.77
N GLN C 336 -17.73 -3.43 -14.46
CA GLN C 336 -17.70 -2.81 -15.78
C GLN C 336 -17.30 -1.34 -15.68
N THR C 337 -17.83 -0.63 -14.69
CA THR C 337 -17.44 0.77 -14.49
C THR C 337 -15.96 0.87 -14.13
N ASN C 338 -15.48 -0.08 -13.31
CA ASN C 338 -14.07 -0.11 -12.96
C ASN C 338 -13.20 -0.30 -14.19
N LYS C 339 -13.58 -1.24 -15.06
CA LYS C 339 -12.81 -1.48 -16.28
C LYS C 339 -12.88 -0.28 -17.22
N GLU C 340 -14.05 0.36 -17.32
CA GLU C 340 -14.19 1.53 -18.18
C GLU C 340 -13.31 2.67 -17.69
N LEU C 341 -13.30 2.92 -16.37
CA LEU C 341 -12.45 3.97 -15.84
C LEU C 341 -10.98 3.63 -15.98
N GLY C 342 -10.63 2.35 -15.85
CA GLY C 342 -9.25 1.95 -16.06
C GLY C 342 -8.80 2.17 -17.49
N ASN C 343 -9.63 1.79 -18.45
CA ASN C 343 -9.29 2.00 -19.86
C ASN C 343 -9.22 3.49 -20.19
N PHE C 344 -10.14 4.29 -19.65
CA PHE C 344 -10.12 5.72 -19.88
C PHE C 344 -8.86 6.37 -19.31
N PHE C 345 -8.49 6.00 -18.08
CA PHE C 345 -7.30 6.57 -17.46
C PHE C 345 -6.04 6.14 -18.17
N ARG C 346 -5.98 4.88 -18.62
CA ARG C 346 -4.82 4.41 -19.36
C ARG C 346 -4.70 5.13 -20.70
N SER C 347 -5.82 5.32 -21.40
CA SER C 347 -5.77 5.99 -22.70
C SER C 347 -5.42 7.46 -22.56
N LEU C 348 -5.98 8.14 -21.56
CA LEU C 348 -5.70 9.55 -21.37
C LEU C 348 -4.32 9.81 -20.78
N TRP C 349 -3.78 8.89 -20.00
CA TRP C 349 -2.53 9.11 -19.29
C TRP C 349 -1.38 8.27 -19.85
N GLY C 350 -1.54 6.95 -19.91
CA GLY C 350 -0.49 6.09 -20.41
C GLY C 350 -0.41 4.78 -19.68
N PRO C 351 0.81 4.22 -19.60
CA PRO C 351 0.97 2.92 -18.93
C PRO C 351 1.19 3.02 -17.43
N TYR C 352 1.57 4.18 -16.91
CA TYR C 352 1.85 4.36 -15.49
C TYR C 352 0.76 5.15 -14.78
N ALA C 353 -0.50 4.96 -15.18
CA ALA C 353 -1.58 5.82 -14.69
C ALA C 353 -1.89 5.60 -13.22
N GLY C 354 -1.47 4.48 -12.64
CA GLY C 354 -1.71 4.24 -11.22
C GLY C 354 -1.01 5.26 -10.34
N TRP C 355 0.14 5.75 -10.78
CA TRP C 355 0.87 6.74 -9.98
C TRP C 355 0.16 8.09 -9.99
N ALA C 356 -0.34 8.51 -11.16
CA ALA C 356 -1.18 9.71 -11.20
C ALA C 356 -2.44 9.53 -10.37
N GLN C 357 -2.99 8.32 -10.36
CA GLN C 357 -4.12 8.03 -9.48
C GLN C 357 -3.73 8.20 -8.01
N ALA C 358 -2.51 7.80 -7.65
CA ALA C 358 -2.05 7.97 -6.28
C ALA C 358 -1.92 9.45 -5.91
N VAL C 359 -1.40 10.26 -6.82
CA VAL C 359 -1.37 11.70 -6.59
C VAL C 359 -2.77 12.25 -6.42
N LEU C 360 -3.71 11.79 -7.25
CA LEU C 360 -5.08 12.24 -7.14
C LEU C 360 -5.69 11.82 -5.79
N PHE C 361 -5.37 10.62 -5.33
CA PHE C 361 -5.87 10.14 -4.04
C PHE C 361 -5.35 10.99 -2.89
N SER C 362 -4.05 11.29 -2.91
CA SER C 362 -3.48 12.13 -1.86
C SER C 362 -4.04 13.55 -1.92
N ALA C 363 -4.37 14.03 -3.12
CA ALA C 363 -5.03 15.32 -3.22
C ALA C 363 -6.44 15.27 -2.66
N ASP C 364 -7.15 14.17 -2.89
CA ASP C 364 -8.51 14.03 -2.38
C ASP C 364 -8.53 13.97 -0.85
N LEU C 365 -7.57 13.26 -0.26
CA LEU C 365 -7.60 13.05 1.17
C LEU C 365 -7.34 14.34 1.95
N ARG C 366 -6.32 15.09 1.54
CA ARG C 366 -5.94 16.34 2.22
C ARG C 366 -6.70 17.54 1.65
N GLN C 367 -8.02 17.44 1.61
CA GLN C 367 -8.85 18.53 1.12
C GLN C 367 -10.27 18.41 1.68
#